data_6TCK
#
_entry.id   6TCK
#
_cell.length_a   143.594
_cell.length_b   55.429
_cell.length_c   50.976
_cell.angle_alpha   90.000
_cell.angle_beta   101.000
_cell.angle_gamma   90.000
#
_symmetry.space_group_name_H-M   'C 1 2 1'
#
loop_
_entity.id
_entity.type
_entity.pdbx_description
1 polymer 'DNA gyrase subunit B'
2 non-polymer '2-[[3,4-bis(chloranyl)-5-methyl-1~{H}-pyrrol-2-yl]carbonylamino]-4-phenylmethoxy-1,3-benzothiazole-6-carboxylic acid'
3 non-polymer GLYCEROL
4 non-polymer (4S)-2-METHYL-2,4-PENTANEDIOL
5 non-polymer 'CHLORIDE ION'
6 non-polymer IMIDAZOLE
7 non-polymer 'CALCIUM ION'
8 non-polymer 'DIMETHYL SULFOXIDE'
9 water water
#
_entity_poly.entity_id   1
_entity_poly.type   'polypeptide(L)'
_entity_poly.pdbx_seq_one_letter_code
;GSVTALSDVNNTDNYGAGQIQVLEGLEAVRKRPGMYIGSTSERGLHHLVWEIVDNSIDEALAGYANQIEVVIEKDNWIKV
TDNGRGIPVDIQEKMGRPAVEVILTSSVVNALSQDLEVYVHRNETIYHQAYKKGVPQFDLKEVGTTDKTGTVIRFKADGE
IFTETTVYNYETLQQRIRELAFLNKGIQITLRDERDEENVREDSYHYEGGIK
;
_entity_poly.pdbx_strand_id   A,B
#
# COMPACT_ATOMS: atom_id res chain seq x y z
N GLY A 18 3.01 -1.54 4.36
CA GLY A 18 1.91 -0.55 4.12
C GLY A 18 1.20 -0.20 5.41
N GLN A 19 0.51 -1.17 5.99
CA GLN A 19 -0.27 -1.08 7.26
C GLN A 19 0.65 -0.72 8.45
N ILE A 20 1.81 -1.36 8.56
CA ILE A 20 2.83 -1.07 9.62
C ILE A 20 3.26 0.41 9.53
N GLN A 21 3.33 0.97 8.32
CA GLN A 21 3.81 2.35 8.08
C GLN A 21 2.74 3.32 8.58
N VAL A 22 1.47 2.92 8.48
CA VAL A 22 0.29 3.66 9.01
C VAL A 22 0.42 3.84 10.53
N LEU A 23 0.66 2.75 11.28
CA LEU A 23 0.70 2.80 12.77
C LEU A 23 1.82 3.73 13.23
N GLU A 24 2.99 3.69 12.57
CA GLU A 24 4.18 4.51 12.98
C GLU A 24 3.82 6.02 12.77
N GLY A 25 3.07 6.25 11.64
CA GLY A 25 2.55 7.60 11.31
C GLY A 25 1.66 8.14 12.43
N LEU A 26 0.71 7.34 12.91
CA LEU A 26 -0.19 7.75 14.01
C LEU A 26 0.65 8.00 15.26
N GLU A 27 1.52 7.07 15.61
CA GLU A 27 2.43 7.17 16.80
C GLU A 27 3.19 8.51 16.72
N ALA A 28 3.71 8.85 15.54
CA ALA A 28 4.56 10.06 15.32
C ALA A 28 3.74 11.31 15.63
N VAL A 29 2.50 11.37 15.15
CA VAL A 29 1.64 12.56 15.33
C VAL A 29 1.27 12.68 16.84
N ARG A 30 0.98 11.56 17.49
CA ARG A 30 0.53 11.57 18.92
C ARG A 30 1.72 11.87 19.82
N LYS A 31 2.94 11.58 19.36
CA LYS A 31 4.17 11.78 20.15
C LYS A 31 4.55 13.28 20.16
N ARG A 32 4.36 14.00 19.04
CA ARG A 32 4.77 15.43 18.92
C ARG A 32 3.67 16.20 18.23
N PRO A 33 2.44 16.22 18.81
CA PRO A 33 1.29 16.81 18.13
C PRO A 33 1.51 18.28 17.72
N GLY A 34 2.27 19.02 18.54
CA GLY A 34 2.55 20.45 18.29
C GLY A 34 3.30 20.67 16.98
N MET A 35 4.11 19.70 16.55
CA MET A 35 4.82 19.78 15.25
C MET A 35 3.83 19.73 14.08
N TYR A 36 2.63 19.17 14.26
CA TYR A 36 1.62 18.97 13.20
C TYR A 36 0.49 20.00 13.25
N ILE A 37 0.07 20.45 14.43
CA ILE A 37 -1.09 21.40 14.51
C ILE A 37 -0.72 22.73 15.16
N GLY A 38 0.56 22.97 15.46
CA GLY A 38 1.06 24.26 15.97
C GLY A 38 1.19 24.26 17.48
N SER A 39 0.23 23.63 18.16
CA SER A 39 0.13 23.65 19.65
C SER A 39 -0.93 22.66 20.10
N THR A 40 -0.92 22.31 21.38
CA THR A 40 -1.99 21.48 22.00
C THR A 40 -2.88 22.36 22.88
N SER A 41 -2.70 23.68 22.77
CA SER A 41 -3.57 24.73 23.38
C SER A 41 -4.93 24.81 22.68
N GLU A 42 -5.76 25.77 23.09
CA GLU A 42 -7.06 26.07 22.44
C GLU A 42 -6.85 26.27 20.94
N ARG A 43 -5.76 26.92 20.54
CA ARG A 43 -5.45 27.18 19.11
C ARG A 43 -5.39 25.86 18.36
N GLY A 44 -4.63 24.88 18.86
CA GLY A 44 -4.50 23.58 18.19
C GLY A 44 -5.82 22.84 18.12
N LEU A 45 -6.63 22.93 19.17
CA LEU A 45 -7.95 22.27 19.19
C LEU A 45 -8.77 22.79 18.00
N HIS A 46 -8.83 24.11 17.81
CA HIS A 46 -9.63 24.71 16.71
C HIS A 46 -9.05 24.32 15.35
N HIS A 47 -7.73 24.14 15.25
N HIS A 47 -7.74 24.10 15.26
CA HIS A 47 -7.05 23.70 14.00
CA HIS A 47 -7.04 23.72 14.01
C HIS A 47 -7.68 22.40 13.49
C HIS A 47 -7.55 22.36 13.51
N LEU A 48 -8.05 21.48 14.39
CA LEU A 48 -8.67 20.19 14.00
C LEU A 48 -9.85 20.45 13.05
N VAL A 49 -10.68 21.43 13.38
CA VAL A 49 -11.86 21.79 12.56
C VAL A 49 -11.36 22.33 11.21
N TRP A 50 -10.39 23.23 11.19
CA TRP A 50 -9.83 23.79 9.91
C TRP A 50 -9.36 22.68 9.00
N GLU A 51 -8.68 21.69 9.55
CA GLU A 51 -8.08 20.61 8.72
C GLU A 51 -9.21 19.85 8.01
N ILE A 52 -10.27 19.50 8.72
CA ILE A 52 -11.38 18.75 8.10
C ILE A 52 -12.10 19.66 7.11
N VAL A 53 -12.44 20.88 7.51
CA VAL A 53 -13.17 21.81 6.61
C VAL A 53 -12.34 22.07 5.35
N ASP A 54 -11.02 22.18 5.48
CA ASP A 54 -10.14 22.40 4.29
C ASP A 54 -10.33 21.27 3.25
N ASN A 55 -10.54 20.03 3.67
CA ASN A 55 -10.79 18.91 2.73
C ASN A 55 -12.10 19.14 1.97
N SER A 56 -13.15 19.56 2.67
CA SER A 56 -14.44 19.90 2.02
C SER A 56 -14.25 21.06 1.05
N ILE A 57 -13.49 22.08 1.44
CA ILE A 57 -13.25 23.25 0.56
C ILE A 57 -12.53 22.77 -0.71
N ASP A 58 -11.59 21.84 -0.60
CA ASP A 58 -10.87 21.32 -1.79
C ASP A 58 -11.86 20.64 -2.75
N GLU A 59 -12.81 19.91 -2.22
CA GLU A 59 -13.86 19.19 -3.01
C GLU A 59 -14.79 20.22 -3.68
N ALA A 60 -15.03 21.38 -3.06
CA ALA A 60 -15.78 22.48 -3.72
C ALA A 60 -14.93 23.11 -4.81
N LEU A 61 -13.67 23.40 -4.53
CA LEU A 61 -12.76 24.02 -5.53
C LEU A 61 -12.53 23.09 -6.73
N ALA A 62 -12.62 21.77 -6.55
CA ALA A 62 -12.52 20.77 -7.65
C ALA A 62 -13.80 20.81 -8.50
N GLY A 63 -14.87 21.47 -8.03
CA GLY A 63 -16.11 21.72 -8.79
C GLY A 63 -17.27 20.84 -8.32
N TYR A 64 -17.16 20.17 -7.18
CA TYR A 64 -18.13 19.11 -6.80
C TYR A 64 -19.08 19.57 -5.69
N ALA A 65 -18.58 20.15 -4.62
CA ALA A 65 -19.32 20.50 -3.41
C ALA A 65 -19.68 21.99 -3.44
N ASN A 66 -20.74 22.38 -2.74
CA ASN A 66 -21.02 23.82 -2.54
C ASN A 66 -21.70 24.08 -1.18
N GLN A 67 -21.80 23.08 -0.31
CA GLN A 67 -22.37 23.25 1.05
C GLN A 67 -21.52 22.48 2.05
N ILE A 68 -21.17 23.14 3.14
CA ILE A 68 -20.40 22.58 4.26
C ILE A 68 -21.14 22.96 5.52
N GLU A 69 -21.38 22.00 6.41
CA GLU A 69 -22.03 22.29 7.71
C GLU A 69 -21.10 21.83 8.80
N VAL A 70 -20.83 22.70 9.77
CA VAL A 70 -20.00 22.34 10.95
C VAL A 70 -20.89 22.42 12.17
N VAL A 71 -21.04 21.31 12.88
CA VAL A 71 -21.90 21.28 14.10
C VAL A 71 -21.02 21.01 15.32
N ILE A 72 -21.19 21.83 16.36
CA ILE A 72 -20.59 21.54 17.69
C ILE A 72 -21.67 20.77 18.43
N GLU A 73 -21.43 19.48 18.66
CA GLU A 73 -22.41 18.58 19.28
C GLU A 73 -22.13 18.49 20.79
N LYS A 74 -23.10 17.95 21.51
CA LYS A 74 -22.96 17.65 22.94
C LYS A 74 -21.61 16.99 23.22
N ASP A 75 -20.95 17.45 24.29
CA ASP A 75 -19.65 16.95 24.78
C ASP A 75 -18.53 17.34 23.78
N ASN A 76 -18.74 18.41 23.01
CA ASN A 76 -17.69 18.94 22.10
C ASN A 76 -17.24 17.85 21.13
N TRP A 77 -18.17 17.03 20.64
CA TRP A 77 -17.98 16.41 19.31
C TRP A 77 -18.09 17.49 18.23
N ILE A 78 -17.41 17.27 17.12
CA ILE A 78 -17.55 18.12 15.91
C ILE A 78 -18.08 17.22 14.80
N LYS A 79 -19.10 17.68 14.07
CA LYS A 79 -19.58 16.98 12.87
C LYS A 79 -19.33 17.91 11.70
N VAL A 80 -18.66 17.44 10.67
CA VAL A 80 -18.51 18.21 9.42
C VAL A 80 -19.15 17.40 8.31
N THR A 81 -20.05 18.04 7.61
CA THR A 81 -20.79 17.43 6.49
C THR A 81 -20.55 18.25 5.23
N ASP A 82 -20.27 17.60 4.12
CA ASP A 82 -20.28 18.30 2.82
C ASP A 82 -21.14 17.54 1.80
N ASN A 83 -21.46 18.20 0.69
CA ASN A 83 -22.26 17.57 -0.40
C ASN A 83 -21.36 17.33 -1.60
N GLY A 84 -20.11 16.93 -1.37
CA GLY A 84 -19.23 16.55 -2.49
C GLY A 84 -19.54 15.16 -3.00
N ARG A 85 -18.58 14.54 -3.69
CA ARG A 85 -18.75 13.22 -4.34
C ARG A 85 -18.73 12.08 -3.32
N GLY A 86 -18.26 12.34 -2.11
CA GLY A 86 -18.00 11.29 -1.11
C GLY A 86 -16.58 10.78 -1.26
N ILE A 87 -15.88 10.63 -0.13
CA ILE A 87 -14.52 10.06 -0.22
C ILE A 87 -14.63 8.68 -0.89
N PRO A 88 -13.79 8.36 -1.90
CA PRO A 88 -13.86 7.04 -2.54
C PRO A 88 -13.65 5.86 -1.59
N VAL A 89 -14.31 4.76 -1.92
CA VAL A 89 -14.35 3.54 -1.08
C VAL A 89 -13.72 2.38 -1.87
N ASP A 90 -13.21 2.63 -3.09
CA ASP A 90 -12.61 1.58 -3.95
C ASP A 90 -11.35 1.07 -3.26
N ILE A 91 -11.05 -0.21 -3.40
CA ILE A 91 -9.85 -0.83 -2.76
C ILE A 91 -8.61 -0.18 -3.38
N GLN A 92 -7.76 0.39 -2.51
CA GLN A 92 -6.50 1.09 -2.85
C GLN A 92 -5.47 -0.02 -3.08
N GLU A 93 -5.26 -0.41 -4.34
CA GLU A 93 -4.43 -1.59 -4.76
C GLU A 93 -3.12 -1.64 -3.97
N LYS A 94 -2.54 -0.48 -3.65
CA LYS A 94 -1.28 -0.30 -2.87
C LYS A 94 -1.41 -0.87 -1.44
N MET A 95 -2.52 -0.58 -0.75
CA MET A 95 -2.73 -0.93 0.69
C MET A 95 -3.65 -2.16 0.83
N GLY A 96 -4.42 -2.52 -0.21
CA GLY A 96 -5.47 -3.55 -0.15
C GLY A 96 -6.64 -3.10 0.72
N ARG A 97 -6.72 -1.81 1.05
CA ARG A 97 -7.74 -1.22 1.96
C ARG A 97 -8.57 -0.23 1.16
N PRO A 98 -9.84 0.03 1.55
CA PRO A 98 -10.64 1.07 0.89
C PRO A 98 -9.89 2.41 0.94
N ALA A 99 -10.02 3.19 -0.12
CA ALA A 99 -9.34 4.52 -0.23
C ALA A 99 -9.67 5.37 1.00
N VAL A 100 -10.94 5.43 1.40
CA VAL A 100 -11.36 6.28 2.55
C VAL A 100 -10.56 5.88 3.79
N GLU A 101 -10.32 4.59 3.98
CA GLU A 101 -9.54 4.12 5.16
C GLU A 101 -8.10 4.64 5.05
N VAL A 102 -7.51 4.57 3.87
CA VAL A 102 -6.11 5.02 3.69
C VAL A 102 -6.05 6.52 4.00
N ILE A 103 -6.99 7.29 3.47
CA ILE A 103 -7.04 8.77 3.61
C ILE A 103 -7.23 9.12 5.08
N LEU A 104 -8.18 8.50 5.77
CA LEU A 104 -8.46 8.90 7.17
C LEU A 104 -7.39 8.35 8.12
N THR A 105 -6.77 7.19 7.85
CA THR A 105 -5.67 6.69 8.72
C THR A 105 -4.39 7.51 8.50
N SER A 106 -4.33 8.39 7.48
CA SER A 106 -3.19 9.32 7.28
CA SER A 106 -3.21 9.33 7.25
C SER A 106 -3.55 10.72 7.80
N SER A 107 -4.70 10.88 8.45
CA SER A 107 -5.23 12.19 8.94
C SER A 107 -4.67 12.52 10.33
N VAL A 108 -4.09 13.71 10.49
CA VAL A 108 -3.70 14.26 11.81
CA VAL A 108 -3.69 14.25 11.82
C VAL A 108 -4.92 14.31 12.73
N VAL A 109 -6.05 14.77 12.22
CA VAL A 109 -7.27 14.90 13.05
C VAL A 109 -7.64 13.53 13.61
N ASN A 110 -7.57 12.49 12.80
CA ASN A 110 -7.95 11.13 13.24
C ASN A 110 -6.96 10.66 14.31
N ALA A 111 -5.66 10.89 14.10
CA ALA A 111 -4.61 10.53 15.08
C ALA A 111 -4.86 11.20 16.43
N LEU A 112 -5.32 12.46 16.42
CA LEU A 112 -5.43 13.30 17.63
C LEU A 112 -6.87 13.30 18.16
N SER A 113 -7.70 12.39 17.68
CA SER A 113 -9.09 12.18 18.15
C SER A 113 -9.21 10.89 18.96
N GLN A 114 -9.85 10.95 20.12
CA GLN A 114 -10.12 9.72 20.89
C GLN A 114 -11.06 8.84 20.08
N ASP A 115 -11.97 9.45 19.32
CA ASP A 115 -12.92 8.74 18.42
C ASP A 115 -13.17 9.59 17.18
N LEU A 116 -13.33 8.94 16.05
CA LEU A 116 -13.70 9.59 14.79
C LEU A 116 -14.52 8.59 13.98
N GLU A 117 -15.58 9.08 13.33
CA GLU A 117 -16.34 8.19 12.43
C GLU A 117 -16.58 8.92 11.12
N VAL A 118 -16.70 8.16 10.07
CA VAL A 118 -17.03 8.68 8.74
C VAL A 118 -18.28 7.98 8.25
N TYR A 119 -19.13 8.76 7.59
CA TYR A 119 -20.22 8.25 6.74
C TYR A 119 -19.94 8.78 5.34
N VAL A 120 -19.80 7.91 4.36
CA VAL A 120 -19.75 8.33 2.94
C VAL A 120 -21.04 7.97 2.23
N HIS A 121 -21.63 8.95 1.55
CA HIS A 121 -22.74 8.76 0.61
C HIS A 121 -22.17 8.75 -0.79
N ARG A 122 -22.17 7.60 -1.44
CA ARG A 122 -21.51 7.43 -2.75
C ARG A 122 -22.05 6.14 -3.37
N ASN A 123 -22.20 6.10 -4.69
CA ASN A 123 -22.63 4.84 -5.37
C ASN A 123 -24.00 4.43 -4.80
N GLU A 124 -24.84 5.40 -4.42
CA GLU A 124 -26.23 5.22 -3.89
C GLU A 124 -26.21 4.39 -2.60
N THR A 125 -25.07 4.41 -1.91
CA THR A 125 -24.79 3.61 -0.72
C THR A 125 -24.24 4.49 0.39
N ILE A 126 -24.57 4.16 1.63
CA ILE A 126 -23.99 4.81 2.83
C ILE A 126 -22.98 3.82 3.39
N TYR A 127 -21.72 4.24 3.48
CA TYR A 127 -20.61 3.47 4.06
C TYR A 127 -20.24 4.10 5.39
N HIS A 128 -19.85 3.27 6.36
CA HIS A 128 -19.48 3.75 7.72
C HIS A 128 -18.21 3.06 8.19
N GLN A 129 -17.32 3.85 8.81
CA GLN A 129 -16.14 3.33 9.52
C GLN A 129 -15.90 4.21 10.74
N ALA A 130 -15.41 3.62 11.80
CA ALA A 130 -15.07 4.33 13.05
C ALA A 130 -13.63 3.99 13.40
N TYR A 131 -12.98 4.93 14.05
CA TYR A 131 -11.57 4.89 14.44
C TYR A 131 -11.44 5.35 15.90
N LYS A 132 -10.37 4.88 16.52
CA LYS A 132 -9.92 5.39 17.83
C LYS A 132 -8.43 5.69 17.70
N LYS A 133 -8.06 6.93 17.95
CA LYS A 133 -6.66 7.41 17.83
C LYS A 133 -6.13 7.01 16.44
N GLY A 134 -6.99 7.07 15.41
CA GLY A 134 -6.59 6.80 14.02
C GLY A 134 -6.72 5.34 13.62
N VAL A 135 -6.92 4.45 14.58
CA VAL A 135 -6.95 2.99 14.31
C VAL A 135 -8.38 2.60 13.95
N PRO A 136 -8.62 1.97 12.79
CA PRO A 136 -9.98 1.52 12.44
C PRO A 136 -10.49 0.48 13.44
N GLN A 137 -11.75 0.60 13.85
CA GLN A 137 -12.35 -0.32 14.86
C GLN A 137 -13.01 -1.51 14.15
N PHE A 138 -13.26 -1.41 12.84
CA PHE A 138 -13.86 -2.48 12.02
C PHE A 138 -13.67 -2.09 10.56
N ASP A 139 -13.84 -3.03 9.66
CA ASP A 139 -13.73 -2.79 8.21
C ASP A 139 -14.86 -1.85 7.81
N LEU A 140 -14.60 -1.02 6.80
CA LEU A 140 -15.62 -0.16 6.16
C LEU A 140 -16.85 -1.01 5.87
N LYS A 141 -18.04 -0.54 6.24
CA LYS A 141 -19.29 -1.32 6.18
C LYS A 141 -20.32 -0.56 5.35
N GLU A 142 -21.04 -1.23 4.45
CA GLU A 142 -22.30 -0.70 3.88
C GLU A 142 -23.38 -0.71 4.96
N VAL A 143 -24.00 0.45 5.27
CA VAL A 143 -25.01 0.52 6.37
C VAL A 143 -26.37 1.01 5.84
N GLY A 144 -26.45 1.46 4.61
CA GLY A 144 -27.73 1.95 4.05
C GLY A 144 -27.62 2.40 2.62
N THR A 145 -28.68 3.04 2.15
CA THR A 145 -28.76 3.54 0.77
C THR A 145 -29.09 5.03 0.80
N THR A 146 -28.87 5.67 -0.33
CA THR A 146 -28.98 7.13 -0.44
C THR A 146 -29.11 7.50 -1.92
N ASP A 147 -29.69 8.66 -2.17
CA ASP A 147 -29.74 9.27 -3.52
C ASP A 147 -28.90 10.54 -3.51
N LYS A 148 -28.14 10.80 -2.45
CA LYS A 148 -27.24 11.98 -2.30
C LYS A 148 -25.79 11.51 -2.27
N THR A 149 -24.88 12.46 -2.44
CA THR A 149 -23.44 12.20 -2.30
C THR A 149 -22.89 13.19 -1.28
N GLY A 150 -21.84 12.77 -0.59
CA GLY A 150 -21.08 13.63 0.31
C GLY A 150 -20.48 12.83 1.42
N THR A 151 -19.88 13.54 2.35
CA THR A 151 -19.04 12.95 3.41
C THR A 151 -19.50 13.59 4.71
N VAL A 152 -19.62 12.76 5.73
CA VAL A 152 -19.84 13.20 7.14
C VAL A 152 -18.66 12.71 7.94
N ILE A 153 -18.02 13.61 8.65
CA ILE A 153 -16.96 13.26 9.65
C ILE A 153 -17.46 13.73 11.01
N ARG A 154 -17.38 12.88 12.03
CA ARG A 154 -17.69 13.27 13.42
C ARG A 154 -16.46 12.90 14.24
N PHE A 155 -15.91 13.82 15.04
CA PHE A 155 -14.71 13.46 15.82
C PHE A 155 -14.79 14.10 17.20
N LYS A 156 -14.17 13.42 18.16
CA LYS A 156 -13.98 13.93 19.52
C LYS A 156 -12.47 14.06 19.77
N ALA A 157 -11.99 15.28 19.96
CA ALA A 157 -10.57 15.60 20.25
C ALA A 157 -10.11 14.77 21.43
N ASP A 158 -8.88 14.28 21.35
CA ASP A 158 -8.33 13.46 22.45
C ASP A 158 -7.88 14.36 23.61
N GLY A 159 -8.49 14.21 24.77
CA GLY A 159 -8.12 14.98 25.96
C GLY A 159 -6.73 14.67 26.47
N GLU A 160 -6.19 13.49 26.14
CA GLU A 160 -4.80 13.10 26.47
C GLU A 160 -3.81 13.94 25.66
N ILE A 161 -4.23 14.52 24.52
CA ILE A 161 -3.39 15.39 23.64
C ILE A 161 -3.61 16.86 24.00
N PHE A 162 -4.88 17.25 23.98
CA PHE A 162 -5.35 18.63 24.26
C PHE A 162 -5.66 18.74 25.73
N THR A 163 -4.64 18.96 26.52
CA THR A 163 -4.75 18.80 27.98
C THR A 163 -5.27 20.09 28.60
N GLU A 164 -5.21 21.22 27.88
CA GLU A 164 -5.66 22.55 28.39
C GLU A 164 -7.19 22.62 28.33
N THR A 165 -7.74 22.40 27.16
CA THR A 165 -9.21 22.48 26.94
C THR A 165 -9.57 21.61 25.74
N THR A 166 -10.73 20.96 25.79
CA THR A 166 -11.34 20.33 24.59
C THR A 166 -12.70 21.00 24.32
N VAL A 167 -12.92 22.21 24.86
CA VAL A 167 -14.18 22.99 24.63
C VAL A 167 -13.97 23.99 23.50
N TYR A 168 -14.80 23.93 22.48
CA TYR A 168 -14.70 24.84 21.33
C TYR A 168 -15.33 26.20 21.68
N ASN A 169 -14.73 27.23 21.10
CA ASN A 169 -15.17 28.63 21.24
C ASN A 169 -16.01 28.93 20.01
N TYR A 170 -17.33 29.10 20.18
CA TYR A 170 -18.24 29.35 19.03
C TYR A 170 -17.75 30.54 18.20
N GLU A 171 -17.34 31.63 18.85
CA GLU A 171 -16.97 32.89 18.14
C GLU A 171 -15.67 32.67 17.35
N THR A 172 -14.74 31.88 17.89
CA THR A 172 -13.51 31.53 17.16
C THR A 172 -13.87 30.79 15.88
N LEU A 173 -14.71 29.77 15.98
CA LEU A 173 -15.14 28.98 14.80
C LEU A 173 -15.92 29.87 13.83
N GLN A 174 -16.77 30.72 14.38
CA GLN A 174 -17.61 31.62 13.54
C GLN A 174 -16.72 32.53 12.69
N GLN A 175 -15.72 33.17 13.30
CA GLN A 175 -14.87 34.17 12.59
C GLN A 175 -14.15 33.44 11.46
N ARG A 176 -13.67 32.23 11.72
CA ARG A 176 -12.86 31.54 10.69
C ARG A 176 -13.77 30.97 9.59
N ILE A 177 -14.95 30.47 9.95
CA ILE A 177 -15.90 29.98 8.93
C ILE A 177 -16.36 31.13 8.03
N ARG A 178 -16.60 32.32 8.59
CA ARG A 178 -17.03 33.50 7.82
C ARG A 178 -15.92 33.83 6.82
N GLU A 179 -14.69 33.83 7.32
CA GLU A 179 -13.46 34.11 6.52
C GLU A 179 -13.36 33.13 5.35
N LEU A 180 -13.55 31.85 5.63
CA LEU A 180 -13.44 30.78 4.60
C LEU A 180 -14.53 30.94 3.55
N ALA A 181 -15.75 31.31 3.96
CA ALA A 181 -16.86 31.54 3.00
C ALA A 181 -16.55 32.78 2.15
N PHE A 182 -15.99 33.84 2.77
CA PHE A 182 -15.58 35.07 2.07
C PHE A 182 -14.47 34.78 1.04
N LEU A 183 -13.51 33.93 1.40
CA LEU A 183 -12.31 33.67 0.54
C LEU A 183 -12.68 32.69 -0.57
N ASN A 184 -13.66 31.83 -0.32
CA ASN A 184 -14.05 30.73 -1.22
C ASN A 184 -15.49 31.00 -1.68
N LYS A 185 -15.67 32.01 -2.52
CA LYS A 185 -17.01 32.54 -2.91
C LYS A 185 -17.80 31.44 -3.60
N GLY A 186 -19.08 31.31 -3.26
CA GLY A 186 -19.97 30.31 -3.86
C GLY A 186 -20.19 29.11 -2.98
N ILE A 187 -19.45 28.96 -1.89
CA ILE A 187 -19.62 27.85 -0.91
C ILE A 187 -20.51 28.35 0.24
N GLN A 188 -21.59 27.64 0.52
CA GLN A 188 -22.40 27.91 1.72
C GLN A 188 -21.77 27.17 2.88
N ILE A 189 -21.34 27.86 3.92
CA ILE A 189 -20.76 27.23 5.12
C ILE A 189 -21.58 27.62 6.34
N THR A 190 -22.10 26.62 7.02
CA THR A 190 -23.00 26.81 8.18
C THR A 190 -22.29 26.34 9.43
N LEU A 191 -22.39 27.11 10.50
CA LEU A 191 -21.88 26.67 11.82
C LEU A 191 -23.10 26.58 12.73
N ARG A 192 -23.26 25.49 13.47
CA ARG A 192 -24.37 25.36 14.44
C ARG A 192 -23.82 24.85 15.76
N ASP A 193 -24.23 25.46 16.87
CA ASP A 193 -23.87 25.01 18.23
C ASP A 193 -25.07 24.28 18.83
N GLU A 194 -25.00 22.99 19.01
CA GLU A 194 -26.07 22.12 19.55
C GLU A 194 -25.70 21.64 20.96
N ARG A 195 -24.67 22.20 21.60
CA ARG A 195 -24.22 21.73 22.92
C ARG A 195 -25.31 21.94 23.96
N ASP A 196 -26.01 23.08 23.88
CA ASP A 196 -27.17 23.38 24.74
C ASP A 196 -28.43 23.22 23.87
N GLU A 197 -29.10 22.08 24.00
CA GLU A 197 -30.29 21.71 23.20
C GLU A 197 -31.42 22.75 23.41
N GLU A 198 -31.39 23.52 24.50
CA GLU A 198 -32.43 24.54 24.81
C GLU A 198 -32.15 25.87 24.09
N ASN A 199 -30.91 26.15 23.69
CA ASN A 199 -30.56 27.39 22.96
C ASN A 199 -29.56 27.01 21.89
N VAL A 200 -30.07 26.73 20.71
CA VAL A 200 -29.25 26.39 19.52
C VAL A 200 -28.97 27.65 18.71
N ARG A 201 -27.70 27.87 18.38
CA ARG A 201 -27.23 29.06 17.66
C ARG A 201 -26.68 28.59 16.32
N GLU A 202 -27.04 29.30 15.27
CA GLU A 202 -26.52 28.97 13.93
C GLU A 202 -26.13 30.26 13.21
N ASP A 203 -25.07 30.17 12.41
CA ASP A 203 -24.66 31.24 11.48
C ASP A 203 -24.35 30.57 10.15
N SER A 204 -24.87 31.11 9.07
CA SER A 204 -24.67 30.52 7.73
C SER A 204 -24.18 31.61 6.77
N TYR A 205 -23.06 31.32 6.10
CA TYR A 205 -22.34 32.31 5.25
C TYR A 205 -22.33 31.82 3.82
N HIS A 206 -22.59 32.72 2.89
CA HIS A 206 -22.64 32.37 1.45
C HIS A 206 -22.39 33.63 0.65
N TYR A 207 -21.18 33.83 0.17
CA TYR A 207 -20.80 35.03 -0.62
C TYR A 207 -20.94 34.74 -2.11
N GLU A 208 -21.57 35.67 -2.82
CA GLU A 208 -21.83 35.68 -4.29
C GLU A 208 -22.12 34.28 -4.81
N ILE B 20 -6.93 -5.82 -15.60
CA ILE B 20 -7.44 -4.49 -15.12
C ILE B 20 -6.74 -4.16 -13.79
N GLN B 21 -7.05 -4.96 -12.77
CA GLN B 21 -6.48 -4.88 -11.41
C GLN B 21 -5.01 -5.33 -11.44
N VAL B 22 -4.66 -6.24 -12.36
CA VAL B 22 -3.30 -6.83 -12.46
C VAL B 22 -2.31 -5.72 -12.86
N LEU B 23 -2.62 -4.99 -13.94
CA LEU B 23 -1.73 -3.94 -14.52
C LEU B 23 -1.55 -2.79 -13.50
N GLU B 24 -2.59 -2.47 -12.73
CA GLU B 24 -2.50 -1.43 -11.67
C GLU B 24 -1.70 -1.97 -10.48
N GLY B 25 -1.78 -3.29 -10.23
CA GLY B 25 -0.94 -4.00 -9.25
C GLY B 25 0.54 -3.80 -9.58
N LEU B 26 0.89 -4.01 -10.84
CA LEU B 26 2.28 -3.89 -11.37
C LEU B 26 2.78 -2.45 -11.24
N GLU B 27 2.02 -1.48 -11.74
CA GLU B 27 2.42 -0.05 -11.74
C GLU B 27 2.64 0.42 -10.30
N ALA B 28 1.85 -0.08 -9.36
CA ALA B 28 1.89 0.28 -7.92
C ALA B 28 3.26 -0.10 -7.34
N VAL B 29 3.69 -1.33 -7.60
CA VAL B 29 5.00 -1.88 -7.15
C VAL B 29 6.14 -1.05 -7.79
N ARG B 30 6.02 -0.74 -9.09
CA ARG B 30 7.08 -0.03 -9.85
C ARG B 30 7.09 1.45 -9.41
N LYS B 31 5.94 1.98 -8.98
CA LYS B 31 5.81 3.34 -8.41
C LYS B 31 6.35 3.39 -6.97
N ARG B 32 6.28 2.31 -6.18
CA ARG B 32 6.71 2.32 -4.76
C ARG B 32 7.49 1.05 -4.41
N PRO B 33 8.66 0.81 -5.06
CA PRO B 33 9.38 -0.47 -4.89
C PRO B 33 9.81 -0.75 -3.44
N GLY B 34 10.20 0.30 -2.70
CA GLY B 34 10.74 0.21 -1.33
C GLY B 34 9.72 -0.31 -0.31
N MET B 35 8.43 -0.15 -0.61
CA MET B 35 7.30 -0.65 0.24
C MET B 35 7.06 -2.14 -0.03
N TYR B 36 7.86 -2.75 -0.91
CA TYR B 36 7.74 -4.19 -1.29
C TYR B 36 9.10 -4.90 -1.20
N ILE B 37 10.23 -4.23 -1.46
CA ILE B 37 11.58 -4.88 -1.49
C ILE B 37 12.57 -4.17 -0.56
N GLY B 38 12.14 -3.14 0.17
CA GLY B 38 12.98 -2.43 1.16
C GLY B 38 13.59 -1.16 0.61
N SER B 39 14.22 -1.22 -0.58
CA SER B 39 14.93 -0.08 -1.23
C SER B 39 15.19 -0.38 -2.71
N THR B 40 15.67 0.60 -3.49
CA THR B 40 16.08 0.42 -4.92
C THR B 40 17.60 0.47 -5.07
N SER B 41 18.33 0.45 -3.94
CA SER B 41 19.81 0.41 -3.82
C SER B 41 20.31 -1.01 -4.11
N GLU B 42 21.59 -1.28 -3.88
CA GLU B 42 22.20 -2.63 -3.97
C GLU B 42 21.45 -3.63 -3.08
N ARG B 43 21.02 -3.21 -1.88
CA ARG B 43 20.23 -4.06 -0.96
C ARG B 43 18.93 -4.52 -1.64
N GLY B 44 18.23 -3.62 -2.32
CA GLY B 44 16.97 -3.95 -3.02
C GLY B 44 17.22 -4.89 -4.18
N LEU B 45 18.27 -4.63 -4.96
CA LEU B 45 18.63 -5.51 -6.09
C LEU B 45 18.79 -6.95 -5.57
N HIS B 46 19.54 -7.17 -4.48
CA HIS B 46 19.78 -8.54 -3.94
C HIS B 46 18.49 -9.13 -3.36
N HIS B 47 17.58 -8.28 -2.87
CA HIS B 47 16.28 -8.76 -2.33
C HIS B 47 15.44 -9.39 -3.46
N LEU B 48 15.61 -9.00 -4.72
CA LEU B 48 14.91 -9.69 -5.85
C LEU B 48 15.26 -11.18 -5.82
N VAL B 49 16.53 -11.50 -5.60
CA VAL B 49 16.99 -12.90 -5.57
C VAL B 49 16.32 -13.61 -4.40
N TRP B 50 16.25 -13.01 -3.22
CA TRP B 50 15.63 -13.65 -2.02
C TRP B 50 14.15 -13.91 -2.27
N GLU B 51 13.45 -13.03 -2.98
CA GLU B 51 11.99 -13.24 -3.20
C GLU B 51 11.82 -14.52 -4.01
N ILE B 52 12.62 -14.70 -5.07
CA ILE B 52 12.46 -15.88 -5.95
C ILE B 52 12.94 -17.12 -5.20
N VAL B 53 14.07 -17.04 -4.51
CA VAL B 53 14.64 -18.24 -3.83
C VAL B 53 13.68 -18.66 -2.74
N ASP B 54 13.04 -17.70 -2.08
CA ASP B 54 12.04 -17.98 -1.03
C ASP B 54 10.95 -18.93 -1.56
N ASN B 55 10.50 -18.76 -2.81
CA ASN B 55 9.45 -19.63 -3.39
C ASN B 55 9.99 -21.06 -3.54
N SER B 56 11.27 -21.22 -3.91
CA SER B 56 11.94 -22.53 -4.03
C SER B 56 12.08 -23.15 -2.63
N ILE B 57 12.43 -22.35 -1.62
CA ILE B 57 12.53 -22.83 -0.22
C ILE B 57 11.15 -23.30 0.25
N ASP B 58 10.08 -22.61 -0.10
CA ASP B 58 8.70 -23.05 0.27
C ASP B 58 8.43 -24.43 -0.32
N GLU B 59 8.90 -24.69 -1.52
CA GLU B 59 8.71 -25.98 -2.21
C GLU B 59 9.54 -27.07 -1.50
N ALA B 60 10.71 -26.73 -0.99
CA ALA B 60 11.53 -27.64 -0.15
C ALA B 60 10.79 -27.90 1.17
N LEU B 61 10.28 -26.84 1.80
CA LEU B 61 9.54 -26.98 3.09
C LEU B 61 8.27 -27.82 2.94
N ALA B 62 7.61 -27.77 1.78
CA ALA B 62 6.41 -28.56 1.45
C ALA B 62 6.78 -30.03 1.22
N GLY B 63 8.07 -30.34 1.06
CA GLY B 63 8.61 -31.71 0.96
C GLY B 63 8.88 -32.17 -0.47
N TYR B 64 8.91 -31.27 -1.46
CA TYR B 64 8.94 -31.67 -2.90
C TYR B 64 10.24 -31.31 -3.60
N ALA B 65 11.00 -30.36 -3.09
CA ALA B 65 12.26 -29.93 -3.71
C ALA B 65 13.40 -30.25 -2.76
N ASN B 66 14.54 -30.66 -3.29
CA ASN B 66 15.74 -30.87 -2.44
C ASN B 66 16.98 -30.28 -3.10
N GLN B 67 16.83 -29.63 -4.24
CA GLN B 67 17.95 -28.95 -4.95
C GLN B 67 17.51 -27.58 -5.44
N ILE B 68 18.29 -26.54 -5.14
CA ILE B 68 18.04 -25.16 -5.57
C ILE B 68 19.37 -24.65 -6.14
N GLU B 69 19.33 -24.09 -7.33
CA GLU B 69 20.53 -23.53 -8.00
C GLU B 69 20.25 -22.06 -8.32
N VAL B 70 21.19 -21.20 -7.93
CA VAL B 70 21.15 -19.75 -8.23
C VAL B 70 22.35 -19.43 -9.12
N VAL B 71 22.11 -18.91 -10.32
CA VAL B 71 23.19 -18.60 -11.29
C VAL B 71 23.16 -17.11 -11.55
N ILE B 72 24.31 -16.45 -11.41
CA ILE B 72 24.47 -15.07 -11.95
C ILE B 72 24.98 -15.25 -13.38
N GLU B 73 24.10 -14.92 -14.34
CA GLU B 73 24.36 -15.11 -15.76
C GLU B 73 24.98 -13.84 -16.36
N LYS B 74 25.47 -13.96 -17.59
CA LYS B 74 25.92 -12.84 -18.42
C LYS B 74 24.92 -11.68 -18.32
N ASP B 75 25.47 -10.48 -18.14
N ASP B 75 25.41 -10.45 -18.25
CA ASP B 75 24.70 -9.21 -18.11
CA ASP B 75 24.61 -9.20 -18.15
C ASP B 75 23.83 -9.14 -16.84
C ASP B 75 23.82 -9.14 -16.83
N ASN B 76 24.22 -9.88 -15.79
CA ASN B 76 23.53 -9.83 -14.47
C ASN B 76 22.06 -10.21 -14.61
N TRP B 77 21.76 -11.14 -15.51
CA TRP B 77 20.56 -11.98 -15.33
C TRP B 77 20.77 -12.87 -14.11
N ILE B 78 19.68 -13.25 -13.48
CA ILE B 78 19.70 -14.24 -12.38
C ILE B 78 18.85 -15.40 -12.87
N LYS B 79 19.32 -16.62 -12.65
CA LYS B 79 18.51 -17.82 -12.93
C LYS B 79 18.36 -18.55 -11.61
N VAL B 80 17.13 -18.88 -11.25
CA VAL B 80 16.86 -19.75 -10.07
C VAL B 80 16.12 -20.98 -10.55
N THR B 81 16.61 -22.15 -10.20
CA THR B 81 16.02 -23.43 -10.57
C THR B 81 15.75 -24.25 -9.30
N ASP B 82 14.58 -24.88 -9.23
CA ASP B 82 14.37 -25.92 -8.18
C ASP B 82 13.86 -27.19 -8.84
N ASN B 83 13.94 -28.30 -8.13
CA ASN B 83 13.41 -29.59 -8.63
C ASN B 83 12.12 -29.92 -7.87
N GLY B 84 11.29 -28.91 -7.58
CA GLY B 84 9.98 -29.17 -6.95
C GLY B 84 8.94 -29.63 -7.97
N ARG B 85 7.68 -29.35 -7.68
CA ARG B 85 6.54 -29.84 -8.51
C ARG B 85 6.38 -29.09 -9.83
N GLY B 86 6.96 -27.89 -9.96
CA GLY B 86 6.66 -26.97 -11.08
C GLY B 86 5.44 -26.15 -10.76
N ILE B 87 5.52 -24.83 -11.01
CA ILE B 87 4.36 -23.95 -10.77
C ILE B 87 3.20 -24.49 -11.62
N PRO B 88 1.99 -24.67 -11.08
CA PRO B 88 0.87 -25.15 -11.89
C PRO B 88 0.58 -24.27 -13.12
N VAL B 89 0.14 -24.94 -14.19
CA VAL B 89 -0.15 -24.31 -15.50
C VAL B 89 -1.64 -24.38 -15.82
N ASP B 90 -2.45 -25.04 -15.00
CA ASP B 90 -3.91 -25.21 -15.22
C ASP B 90 -4.60 -23.84 -15.09
N ILE B 91 -5.70 -23.60 -15.81
CA ILE B 91 -6.46 -22.32 -15.63
C ILE B 91 -7.04 -22.37 -14.21
N GLY B 96 -9.32 -16.89 -15.77
CA GLY B 96 -9.30 -17.43 -17.15
C GLY B 96 -7.90 -17.46 -17.76
N ARG B 97 -6.86 -17.60 -16.93
CA ARG B 97 -5.45 -17.61 -17.38
C ARG B 97 -4.73 -18.74 -16.68
N PRO B 98 -3.61 -19.26 -17.23
CA PRO B 98 -2.85 -20.29 -16.53
C PRO B 98 -2.40 -19.77 -15.16
N ALA B 99 -2.38 -20.65 -14.17
CA ALA B 99 -2.02 -20.30 -12.76
C ALA B 99 -0.63 -19.65 -12.72
N VAL B 100 0.34 -20.19 -13.46
CA VAL B 100 1.72 -19.62 -13.45
C VAL B 100 1.64 -18.15 -13.88
N GLU B 101 0.86 -17.84 -14.91
CA GLU B 101 0.75 -16.44 -15.40
C GLU B 101 0.12 -15.55 -14.30
N VAL B 102 -0.95 -16.02 -13.66
CA VAL B 102 -1.60 -15.27 -12.54
C VAL B 102 -0.53 -15.03 -11.46
N ILE B 103 0.20 -16.08 -11.08
CA ILE B 103 1.21 -15.97 -10.00
C ILE B 103 2.27 -14.96 -10.44
N LEU B 104 2.81 -15.05 -11.65
CA LEU B 104 4.01 -14.24 -11.99
C LEU B 104 3.62 -12.80 -12.32
N THR B 105 2.39 -12.53 -12.78
CA THR B 105 1.91 -11.15 -13.04
C THR B 105 1.53 -10.49 -11.71
N SER B 106 1.59 -11.25 -10.59
CA SER B 106 1.34 -10.78 -9.20
C SER B 106 2.66 -10.66 -8.44
N SER B 107 3.78 -10.89 -9.14
CA SER B 107 5.14 -10.98 -8.56
C SER B 107 5.79 -9.59 -8.58
N VAL B 108 6.24 -9.16 -7.40
CA VAL B 108 7.07 -7.94 -7.21
C VAL B 108 8.32 -8.04 -8.10
N VAL B 109 8.97 -9.20 -8.14
CA VAL B 109 10.24 -9.33 -8.90
C VAL B 109 9.96 -9.13 -10.38
N ASN B 110 8.86 -9.71 -10.87
CA ASN B 110 8.47 -9.60 -12.30
C ASN B 110 8.23 -8.13 -12.63
N ALA B 111 7.46 -7.43 -11.79
CA ALA B 111 7.15 -5.99 -11.92
C ALA B 111 8.45 -5.17 -12.02
N LEU B 112 9.46 -5.52 -11.22
CA LEU B 112 10.72 -4.76 -11.09
C LEU B 112 11.82 -5.33 -12.03
N SER B 113 11.47 -6.18 -12.98
CA SER B 113 12.39 -6.77 -13.98
C SER B 113 12.09 -6.21 -15.37
N GLN B 114 13.12 -5.79 -16.12
N GLN B 114 13.13 -5.73 -16.06
CA GLN B 114 12.96 -5.38 -17.55
CA GLN B 114 13.12 -5.43 -17.52
C GLN B 114 12.60 -6.62 -18.37
C GLN B 114 12.55 -6.62 -18.28
N ASP B 115 13.04 -7.81 -17.95
CA ASP B 115 12.66 -9.08 -18.62
C ASP B 115 12.62 -10.17 -17.57
N LEU B 116 11.65 -11.07 -17.68
CA LEU B 116 11.64 -12.28 -16.85
C LEU B 116 11.12 -13.43 -17.72
N GLU B 117 11.69 -14.61 -17.55
CA GLU B 117 11.26 -15.82 -18.27
C GLU B 117 10.98 -16.89 -17.22
N VAL B 118 9.98 -17.72 -17.45
CA VAL B 118 9.74 -18.94 -16.64
C VAL B 118 9.75 -20.15 -17.58
N TYR B 119 10.31 -21.24 -17.06
CA TYR B 119 10.20 -22.59 -17.63
C TYR B 119 9.69 -23.49 -16.54
N VAL B 120 8.57 -24.12 -16.78
CA VAL B 120 8.00 -25.08 -15.83
C VAL B 120 8.17 -26.46 -16.43
N HIS B 121 8.71 -27.39 -15.67
CA HIS B 121 8.76 -28.83 -15.98
C HIS B 121 7.66 -29.51 -15.18
N ARG B 122 6.58 -29.91 -15.83
CA ARG B 122 5.39 -30.50 -15.15
C ARG B 122 4.62 -31.30 -16.20
N ASN B 123 3.94 -32.39 -15.80
CA ASN B 123 3.05 -33.12 -16.74
C ASN B 123 3.91 -33.64 -17.93
N GLU B 124 5.18 -33.98 -17.69
CA GLU B 124 6.17 -34.44 -18.72
C GLU B 124 6.35 -33.41 -19.84
N THR B 125 6.07 -32.14 -19.54
CA THR B 125 6.07 -31.05 -20.54
C THR B 125 6.90 -29.89 -20.01
N ILE B 126 7.57 -29.18 -20.90
CA ILE B 126 8.26 -27.92 -20.56
C ILE B 126 7.38 -26.79 -21.09
N TYR B 127 6.95 -25.92 -20.20
CA TYR B 127 6.13 -24.74 -20.51
C TYR B 127 6.96 -23.49 -20.36
N HIS B 128 6.70 -22.49 -21.19
CA HIS B 128 7.53 -21.27 -21.19
C HIS B 128 6.65 -20.03 -21.35
N GLN B 129 6.96 -18.99 -20.60
CA GLN B 129 6.36 -17.65 -20.82
C GLN B 129 7.42 -16.59 -20.50
N ALA B 130 7.40 -15.47 -21.21
CA ALA B 130 8.30 -14.34 -20.96
C ALA B 130 7.45 -13.09 -20.69
N TYR B 131 8.02 -12.21 -19.89
CA TYR B 131 7.39 -10.96 -19.42
C TYR B 131 8.39 -9.83 -19.61
N LYS B 132 7.83 -8.62 -19.71
CA LYS B 132 8.60 -7.35 -19.62
C LYS B 132 7.87 -6.41 -18.65
N LYS B 133 8.52 -6.02 -17.56
CA LYS B 133 7.94 -5.17 -16.48
C LYS B 133 6.67 -5.85 -15.95
N GLY B 134 6.64 -7.19 -15.94
CA GLY B 134 5.51 -7.96 -15.39
C GLY B 134 4.41 -8.24 -16.42
N VAL B 135 4.53 -7.69 -17.64
CA VAL B 135 3.55 -7.87 -18.74
C VAL B 135 3.94 -9.08 -19.60
N PRO B 136 3.05 -10.10 -19.72
CA PRO B 136 3.31 -11.24 -20.61
C PRO B 136 3.51 -10.81 -22.06
N GLN B 137 4.51 -11.38 -22.74
CA GLN B 137 4.87 -11.03 -24.13
C GLN B 137 4.15 -11.97 -25.09
N PHE B 138 3.69 -13.11 -24.60
CA PHE B 138 2.99 -14.15 -25.39
C PHE B 138 2.34 -15.10 -24.40
N ASP B 139 1.44 -15.94 -24.90
CA ASP B 139 0.73 -16.94 -24.07
C ASP B 139 1.71 -18.03 -23.67
N LEU B 140 1.53 -18.56 -22.46
CA LEU B 140 2.27 -19.75 -22.00
C LEU B 140 2.23 -20.80 -23.10
N LYS B 141 3.39 -21.39 -23.46
CA LYS B 141 3.38 -22.40 -24.55
C LYS B 141 4.22 -23.61 -24.15
N GLU B 142 3.90 -24.76 -24.72
N GLU B 142 3.89 -24.78 -24.70
CA GLU B 142 4.74 -25.97 -24.60
CA GLU B 142 4.72 -26.01 -24.59
C GLU B 142 5.95 -25.78 -25.50
C GLU B 142 5.94 -25.83 -25.49
N VAL B 143 7.15 -26.00 -24.95
CA VAL B 143 8.41 -25.82 -25.74
C VAL B 143 9.29 -27.07 -25.61
N GLY B 144 8.76 -28.18 -25.10
CA GLY B 144 9.53 -29.43 -24.99
C GLY B 144 8.91 -30.45 -24.08
N THR B 145 9.63 -31.57 -23.96
CA THR B 145 9.23 -32.77 -23.20
CA THR B 145 9.23 -32.75 -23.18
C THR B 145 10.27 -32.95 -22.09
N THR B 146 9.83 -33.46 -20.95
CA THR B 146 10.76 -33.72 -19.83
C THR B 146 10.28 -34.94 -19.05
N ASP B 147 11.18 -35.55 -18.31
CA ASP B 147 10.79 -36.59 -17.32
C ASP B 147 11.09 -36.06 -15.91
N LYS B 148 11.38 -34.76 -15.77
CA LYS B 148 11.73 -34.11 -14.47
C LYS B 148 10.62 -33.12 -14.15
N THR B 149 10.57 -32.68 -12.90
CA THR B 149 9.62 -31.63 -12.46
C THR B 149 10.44 -30.54 -11.78
N GLY B 150 9.96 -29.31 -11.91
CA GLY B 150 10.62 -28.17 -11.26
C GLY B 150 10.36 -26.91 -12.01
N THR B 151 10.98 -25.84 -11.54
CA THR B 151 10.71 -24.48 -12.04
C THR B 151 12.05 -23.81 -12.28
N VAL B 152 12.14 -23.11 -13.41
CA VAL B 152 13.28 -22.22 -13.73
C VAL B 152 12.72 -20.82 -13.89
N ILE B 153 13.27 -19.86 -13.18
CA ILE B 153 12.97 -18.41 -13.36
C ILE B 153 14.27 -17.74 -13.78
N ARG B 154 14.27 -16.97 -14.86
CA ARG B 154 15.43 -16.10 -15.19
C ARG B 154 14.90 -14.67 -15.22
N PHE B 155 15.59 -13.73 -14.60
CA PHE B 155 15.11 -12.32 -14.62
C PHE B 155 16.30 -11.36 -14.71
N LYS B 156 16.04 -10.25 -15.36
CA LYS B 156 16.98 -9.12 -15.46
C LYS B 156 16.32 -7.94 -14.73
N ALA B 157 16.92 -7.52 -13.61
CA ALA B 157 16.49 -6.31 -12.86
C ALA B 157 16.40 -5.12 -13.81
N ASP B 158 15.37 -4.31 -13.63
CA ASP B 158 15.12 -3.09 -14.44
C ASP B 158 16.06 -1.95 -14.02
N GLY B 159 16.99 -1.57 -14.91
CA GLY B 159 18.00 -0.51 -14.69
C GLY B 159 17.33 0.84 -14.53
N GLU B 160 16.09 0.96 -14.98
CA GLU B 160 15.30 2.20 -14.78
C GLU B 160 14.85 2.30 -13.32
N ILE B 161 14.75 1.19 -12.61
CA ILE B 161 14.38 1.21 -11.17
C ILE B 161 15.63 1.15 -10.30
N PHE B 162 16.55 0.23 -10.57
CA PHE B 162 17.83 0.08 -9.83
C PHE B 162 18.90 0.93 -10.53
N THR B 163 18.90 2.23 -10.25
CA THR B 163 19.71 3.21 -11.01
C THR B 163 21.14 3.25 -10.46
N GLU B 164 21.36 2.87 -9.21
CA GLU B 164 22.69 2.92 -8.57
C GLU B 164 23.53 1.78 -9.15
N THR B 165 22.97 0.58 -9.17
CA THR B 165 23.70 -0.61 -9.67
C THR B 165 22.72 -1.73 -10.01
N THR B 166 23.04 -2.46 -11.08
CA THR B 166 22.37 -3.73 -11.45
C THR B 166 23.40 -4.87 -11.38
N VAL B 167 24.56 -4.65 -10.75
CA VAL B 167 25.64 -5.67 -10.65
C VAL B 167 25.50 -6.34 -9.30
N TYR B 168 25.30 -7.66 -9.30
CA TYR B 168 25.22 -8.48 -8.08
C TYR B 168 26.60 -8.69 -7.48
N ASN B 169 26.61 -8.77 -6.16
CA ASN B 169 27.83 -9.03 -5.37
C ASN B 169 27.82 -10.51 -4.97
N TYR B 170 28.76 -11.29 -5.50
CA TYR B 170 28.83 -12.75 -5.27
C TYR B 170 28.82 -13.06 -3.76
N GLU B 171 29.63 -12.34 -2.99
CA GLU B 171 29.84 -12.61 -1.54
C GLU B 171 28.52 -12.36 -0.78
N THR B 172 27.79 -11.32 -1.14
CA THR B 172 26.46 -11.07 -0.55
C THR B 172 25.54 -12.27 -0.78
N LEU B 173 25.47 -12.74 -2.04
CA LEU B 173 24.57 -13.87 -2.36
C LEU B 173 25.06 -15.10 -1.60
N GLN B 174 26.36 -15.27 -1.53
CA GLN B 174 26.96 -16.50 -0.94
C GLN B 174 26.61 -16.59 0.56
N GLN B 175 26.73 -15.48 1.25
CA GLN B 175 26.46 -15.40 2.71
C GLN B 175 25.01 -15.83 2.95
N ARG B 176 24.06 -15.29 2.20
CA ARG B 176 22.63 -15.58 2.43
C ARG B 176 22.32 -17.03 2.02
N ILE B 177 22.93 -17.52 0.94
CA ILE B 177 22.65 -18.91 0.49
C ILE B 177 23.18 -19.89 1.56
N ARG B 178 24.33 -19.62 2.17
CA ARG B 178 24.88 -20.51 3.22
C ARG B 178 23.91 -20.52 4.42
N GLU B 179 23.39 -19.35 4.81
CA GLU B 179 22.37 -19.23 5.89
C GLU B 179 21.13 -20.07 5.52
N LEU B 180 20.64 -19.97 4.28
CA LEU B 180 19.45 -20.72 3.85
C LEU B 180 19.71 -22.22 3.89
N ALA B 181 20.90 -22.66 3.49
CA ALA B 181 21.21 -24.12 3.51
C ALA B 181 21.29 -24.61 4.96
N PHE B 182 21.83 -23.79 5.85
CA PHE B 182 21.98 -24.15 7.28
C PHE B 182 20.58 -24.29 7.90
N LEU B 183 19.67 -23.40 7.51
CA LEU B 183 18.26 -23.43 8.02
C LEU B 183 17.52 -24.63 7.41
N ASN B 184 17.93 -25.08 6.22
CA ASN B 184 17.21 -26.12 5.45
C ASN B 184 18.13 -27.34 5.25
N LYS B 185 18.39 -28.08 6.32
CA LYS B 185 19.26 -29.29 6.32
C LYS B 185 18.76 -30.24 5.24
N GLY B 186 19.67 -30.85 4.48
CA GLY B 186 19.28 -31.84 3.47
C GLY B 186 18.83 -31.22 2.15
N ILE B 187 18.80 -29.90 2.02
CA ILE B 187 18.60 -29.23 0.70
C ILE B 187 19.97 -28.82 0.21
N GLN B 188 20.26 -29.10 -1.03
CA GLN B 188 21.52 -28.68 -1.67
C GLN B 188 21.23 -27.35 -2.35
N ILE B 189 21.93 -26.29 -1.98
CA ILE B 189 21.76 -24.96 -2.61
C ILE B 189 23.10 -24.58 -3.21
N THR B 190 23.09 -24.32 -4.51
CA THR B 190 24.31 -24.00 -5.27
C THR B 190 24.21 -22.56 -5.75
N LEU B 191 25.32 -21.82 -5.67
CA LEU B 191 25.48 -20.49 -6.28
C LEU B 191 26.59 -20.61 -7.33
N ARG B 192 26.36 -20.11 -8.53
CA ARG B 192 27.37 -20.10 -9.60
C ARG B 192 27.39 -18.73 -10.24
N ASP B 193 28.61 -18.21 -10.46
CA ASP B 193 28.82 -16.95 -11.19
C ASP B 193 29.32 -17.29 -12.59
N GLU B 194 28.49 -17.07 -13.59
CA GLU B 194 28.84 -17.30 -15.02
C GLU B 194 29.01 -15.96 -15.75
N ARG B 195 29.14 -14.85 -15.05
CA ARG B 195 29.27 -13.55 -15.76
C ARG B 195 30.57 -13.48 -16.54
N ASP B 196 31.63 -14.09 -16.03
CA ASP B 196 32.97 -14.16 -16.69
C ASP B 196 33.08 -15.59 -17.21
N GLU B 197 32.72 -15.83 -18.47
CA GLU B 197 32.69 -17.17 -19.14
C GLU B 197 34.04 -17.89 -19.03
N GLU B 198 35.15 -17.15 -18.88
CA GLU B 198 36.51 -17.75 -18.80
C GLU B 198 36.90 -18.10 -17.35
N ASN B 199 36.10 -17.67 -16.35
N ASN B 199 36.13 -17.61 -16.37
CA ASN B 199 36.49 -17.75 -14.93
CA ASN B 199 36.45 -17.69 -14.92
C ASN B 199 35.22 -17.94 -14.08
C ASN B 199 35.11 -17.90 -14.21
N VAL B 200 34.68 -19.17 -14.07
CA VAL B 200 33.39 -19.53 -13.46
C VAL B 200 33.61 -20.03 -12.05
N ARG B 201 32.91 -19.43 -11.09
CA ARG B 201 33.05 -19.77 -9.67
C ARG B 201 31.73 -20.39 -9.18
N GLU B 202 31.82 -21.44 -8.36
CA GLU B 202 30.62 -22.10 -7.81
C GLU B 202 30.86 -22.47 -6.35
N ASP B 203 29.83 -22.31 -5.53
CA ASP B 203 29.83 -22.76 -4.13
C ASP B 203 28.54 -23.55 -3.93
N SER B 204 28.63 -24.76 -3.38
CA SER B 204 27.45 -25.64 -3.20
C SER B 204 27.40 -26.07 -1.75
N TYR B 205 26.24 -25.89 -1.11
CA TYR B 205 26.07 -26.05 0.35
C TYR B 205 25.03 -27.14 0.57
N HIS B 206 25.30 -28.06 1.47
CA HIS B 206 24.40 -29.18 1.81
C HIS B 206 24.68 -29.58 3.26
N TYR B 207 23.96 -28.99 4.20
CA TYR B 207 24.14 -29.30 5.65
C TYR B 207 23.33 -30.56 5.96
N GLU B 208 23.95 -31.55 6.61
CA GLU B 208 23.28 -32.86 6.87
C GLU B 208 22.44 -32.71 8.14
#